data_7WC8
#
_entry.id   7WC8
#
_cell.length_a   49.470
_cell.length_b   55.330
_cell.length_c   179.970
_cell.angle_alpha   90.000
_cell.angle_beta   90.000
_cell.angle_gamma   90.000
#
_symmetry.space_group_name_H-M   'P 21 2 21'
#
loop_
_entity.id
_entity.type
_entity.pdbx_description
1 polymer '5-hydroxytryptamine receptor 2A,5-hydroxytryptamine receptor 2A,Soluble cytochrome b562'
2 non-polymer 'MAGNESIUM ION'
3 non-polymer CHOLESTEROL
4 non-polymer 'PENTAETHYLENE GLYCOL'
5 non-polymer '(2R)-2,3-dihydroxypropyl (9Z)-octadec-9-enoate'
6 non-polymer 1-(4-fluorophenyl)-4-[(10~{R},15~{S})-4-methyl-1,4,12-triazatetracyclo[7.6.1.0^{5,16}.0^{10,15}]hexadeca-5,7,9(16)-trien-12-yl]butan-1-one
7 non-polymer DI(HYDROXYETHYL)ETHER
8 water water
#
_entity_poly.entity_id   1
_entity_poly.type   'polypeptide(L)'
_entity_poly.pdbx_seq_one_letter_code
;SLLHLQEKNWSALLTAVVIILTIAGNILVIMAVSLEKKLQNATNYFLMSLAIADMLLGFLVMPVSMLTILYGYRWPLPSK
LCAVWIYLDVLFSTAKIWHLCAISLDRYVAIQNPIHHSRFNSRTKAFLKIIAVWTISVGISMPIPVFGLQDDSKVFKEGS
CLLADDNFVLIGSFVSFFIPLTIMVITYFLTIKSLQKEAADLEDNWETLNDNLKVIEKADNAAQVKDALTKMRAAALDAG
SGSGDILVGQIDDALKLANEGKVKEAQAAAEQLKTTINAYIQKYGQSISNEQKACKVLGIVFFLFVVMWCPFFITNIMAV
ICKESCNEDVIGALLNVFVWIGYLNSAVNPLVYTLFNKTYRSAFSRYIQCQYKENK
;
_entity_poly.pdbx_strand_id   A
#
# COMPACT_ATOMS: atom_id res chain seq x y z
N HIS A 4 3.49 -38.07 -17.38
CA HIS A 4 4.21 -37.17 -18.31
C HIS A 4 5.35 -36.46 -17.58
N LEU A 5 5.82 -37.03 -16.48
CA LEU A 5 6.84 -36.36 -15.64
C LEU A 5 8.13 -36.16 -16.46
N GLN A 6 8.67 -34.95 -16.45
CA GLN A 6 9.94 -34.65 -17.17
C GLN A 6 11.01 -34.42 -16.12
N GLU A 7 12.19 -35.02 -16.24
CA GLU A 7 13.20 -34.82 -15.16
C GLU A 7 14.11 -33.66 -15.51
N LYS A 8 13.93 -33.07 -16.68
CA LYS A 8 14.75 -31.92 -17.13
C LYS A 8 14.19 -30.63 -16.54
N ASN A 9 14.25 -30.44 -15.23
CA ASN A 9 13.57 -29.23 -14.66
C ASN A 9 14.39 -28.58 -13.54
N TRP A 10 15.49 -27.92 -13.89
CA TRP A 10 16.27 -27.11 -12.92
C TRP A 10 15.47 -25.87 -12.49
N SER A 11 14.46 -25.51 -13.26
CA SER A 11 13.46 -24.46 -12.95
C SER A 11 12.72 -24.80 -11.66
N ALA A 12 12.43 -26.08 -11.42
CA ALA A 12 11.72 -26.52 -10.20
C ALA A 12 12.57 -26.25 -8.95
N LEU A 13 13.89 -26.17 -9.07
CA LEU A 13 14.71 -25.78 -7.90
C LEU A 13 14.45 -24.29 -7.64
N LEU A 14 14.41 -23.47 -8.69
CA LEU A 14 14.30 -21.99 -8.53
C LEU A 14 12.89 -21.66 -8.09
N THR A 15 11.89 -22.45 -8.47
CA THR A 15 10.49 -22.15 -8.07
C THR A 15 10.28 -22.50 -6.60
N ALA A 16 10.90 -23.56 -6.11
CA ALA A 16 10.74 -24.00 -4.70
C ALA A 16 11.35 -22.96 -3.78
N VAL A 17 12.41 -22.27 -4.21
CA VAL A 17 13.06 -21.16 -3.45
C VAL A 17 12.01 -20.06 -3.31
N VAL A 18 11.31 -19.73 -4.40
CA VAL A 18 10.31 -18.62 -4.46
C VAL A 18 9.14 -19.00 -3.52
N ILE A 19 8.79 -20.27 -3.39
CA ILE A 19 7.68 -20.72 -2.50
C ILE A 19 8.14 -20.51 -1.06
N ILE A 20 9.41 -20.78 -0.78
CA ILE A 20 9.91 -20.81 0.61
C ILE A 20 10.12 -19.36 1.09
N LEU A 21 10.72 -18.49 0.26
CA LEU A 21 10.84 -17.03 0.53
C LEU A 21 9.47 -16.39 0.72
N THR A 22 8.47 -16.81 -0.05
CA THR A 22 7.09 -16.25 0.03
C THR A 22 6.46 -16.63 1.38
N ILE A 23 6.50 -17.89 1.75
CA ILE A 23 5.81 -18.37 2.98
C ILE A 23 6.49 -17.80 4.21
N ALA A 24 7.83 -17.83 4.26
CA ALA A 24 8.67 -17.37 5.40
C ALA A 24 8.51 -15.87 5.59
N GLY A 25 8.68 -15.11 4.50
CA GLY A 25 8.61 -13.64 4.56
C GLY A 25 7.23 -13.20 5.04
N ASN A 26 6.17 -13.84 4.52
CA ASN A 26 4.80 -13.35 4.80
C ASN A 26 4.37 -13.78 6.20
N ILE A 27 4.80 -14.94 6.68
CA ILE A 27 4.54 -15.29 8.12
C ILE A 27 5.18 -14.23 9.03
N LEU A 28 6.38 -13.76 8.74
CA LEU A 28 7.07 -12.71 9.55
C LEU A 28 6.28 -11.39 9.53
N VAL A 29 5.71 -11.00 8.39
CA VAL A 29 4.82 -9.80 8.29
C VAL A 29 3.59 -10.02 9.16
N ILE A 30 3.01 -11.21 9.09
CA ILE A 30 1.71 -11.52 9.75
C ILE A 30 1.94 -11.49 11.24
N MET A 31 3.07 -12.03 11.70
CA MET A 31 3.45 -12.03 13.15
C MET A 31 3.79 -10.61 13.60
N ALA A 32 4.46 -9.82 12.77
CA ALA A 32 4.84 -8.44 13.16
C ALA A 32 3.59 -7.57 13.32
N VAL A 33 2.58 -7.65 12.46
CA VAL A 33 1.35 -6.81 12.63
C VAL A 33 0.53 -7.40 13.81
N SER A 34 0.57 -8.71 14.02
CA SER A 34 -0.15 -9.40 15.14
C SER A 34 0.39 -8.99 16.52
N LEU A 35 1.70 -8.75 16.65
CA LEU A 35 2.41 -8.77 17.96
C LEU A 35 2.95 -7.38 18.30
N GLU A 36 3.31 -6.61 17.28
CA GLU A 36 3.97 -5.30 17.53
C GLU A 36 2.93 -4.18 17.52
N LYS A 37 2.79 -3.50 18.65
CA LYS A 37 1.81 -2.40 18.81
C LYS A 37 2.14 -1.24 17.88
N LYS A 38 3.43 -1.00 17.66
CA LYS A 38 3.84 0.15 16.81
C LYS A 38 3.35 -0.06 15.37
N LEU A 39 2.92 -1.26 15.01
CA LEU A 39 2.36 -1.50 13.65
C LEU A 39 0.84 -1.64 13.70
N GLN A 40 0.17 -1.41 14.84
CA GLN A 40 -1.31 -1.56 14.86
C GLN A 40 -1.93 -0.32 14.21
N ASN A 41 -2.03 -0.26 12.88
CA ASN A 41 -2.74 0.88 12.21
C ASN A 41 -3.36 0.34 10.92
N ALA A 42 -4.17 1.15 10.25
CA ALA A 42 -5.04 0.65 9.15
C ALA A 42 -4.14 0.19 8.01
N THR A 43 -3.09 0.94 7.71
CA THR A 43 -2.18 0.61 6.59
C THR A 43 -1.61 -0.78 6.83
N ASN A 44 -1.09 -1.04 8.03
CA ASN A 44 -0.39 -2.32 8.34
C ASN A 44 -1.41 -3.44 8.51
N TYR A 45 -2.67 -3.14 8.84
CA TYR A 45 -3.72 -4.20 8.74
C TYR A 45 -3.94 -4.64 7.29
N PHE A 46 -3.94 -3.70 6.36
CA PHE A 46 -4.08 -4.05 4.93
C PHE A 46 -2.84 -4.78 4.46
N LEU A 47 -1.67 -4.33 4.90
CA LEU A 47 -0.41 -5.05 4.52
C LEU A 47 -0.42 -6.49 5.08
N MET A 48 -1.00 -6.73 6.27
CA MET A 48 -1.16 -8.12 6.77
C MET A 48 -2.12 -8.94 5.89
N SER A 49 -3.22 -8.35 5.44
CA SER A 49 -4.18 -9.04 4.55
C SER A 49 -3.48 -9.34 3.23
N LEU A 50 -2.70 -8.40 2.76
CA LEU A 50 -1.88 -8.62 1.55
C LEU A 50 -0.97 -9.83 1.80
N ALA A 51 -0.31 -9.87 2.94
CA ALA A 51 0.62 -10.96 3.31
C ALA A 51 -0.14 -12.31 3.36
N ILE A 52 -1.35 -12.35 3.90
CA ILE A 52 -2.20 -13.60 3.85
C ILE A 52 -2.47 -14.03 2.40
N ALA A 53 -2.82 -13.10 1.52
CA ALA A 53 -3.01 -13.39 0.08
C ALA A 53 -1.70 -13.98 -0.49
N ASP A 54 -0.56 -13.39 -0.16
CA ASP A 54 0.77 -13.87 -0.60
C ASP A 54 1.07 -15.25 0.01
N MET A 55 0.81 -15.42 1.30
CA MET A 55 1.00 -16.72 1.95
C MET A 55 0.13 -17.81 1.29
N LEU A 56 -1.14 -17.55 0.96
CA LEU A 56 -2.03 -18.56 0.33
C LEU A 56 -1.61 -18.80 -1.12
N LEU A 57 -1.01 -17.83 -1.80
CA LEU A 57 -0.42 -18.09 -3.14
C LEU A 57 0.74 -19.10 -2.98
N GLY A 58 1.58 -18.94 -1.96
CA GLY A 58 2.77 -19.78 -1.75
C GLY A 58 2.41 -21.21 -1.38
N PHE A 59 1.36 -21.41 -0.60
CA PHE A 59 0.87 -22.73 -0.14
C PHE A 59 0.02 -23.40 -1.22
N LEU A 60 -0.87 -22.68 -1.92
CA LEU A 60 -2.00 -23.33 -2.66
C LEU A 60 -1.83 -23.24 -4.17
N VAL A 61 -1.15 -22.21 -4.69
CA VAL A 61 -1.19 -21.89 -6.14
C VAL A 61 0.18 -22.17 -6.75
N MET A 62 1.20 -21.58 -6.14
CA MET A 62 2.63 -21.75 -6.55
C MET A 62 3.06 -23.22 -6.54
N PRO A 63 2.76 -24.13 -5.57
CA PRO A 63 3.17 -25.54 -5.71
C PRO A 63 2.46 -26.36 -6.80
N VAL A 64 1.25 -25.97 -7.15
CA VAL A 64 0.53 -26.61 -8.26
C VAL A 64 1.18 -26.09 -9.55
N SER A 65 1.62 -24.83 -9.56
CA SER A 65 2.29 -24.26 -10.76
C SER A 65 3.63 -24.98 -11.00
N MET A 66 4.36 -25.29 -9.94
CA MET A 66 5.63 -26.05 -9.99
C MET A 66 5.36 -27.49 -10.52
N LEU A 67 4.31 -28.12 -10.01
CA LEU A 67 3.84 -29.45 -10.46
C LEU A 67 3.56 -29.44 -11.98
N THR A 68 2.97 -28.38 -12.55
CA THR A 68 2.73 -28.32 -14.01
C THR A 68 4.06 -28.22 -14.76
N ILE A 69 5.08 -27.54 -14.23
CA ILE A 69 6.38 -27.35 -14.92
C ILE A 69 7.05 -28.73 -15.08
N LEU A 70 6.99 -29.51 -14.01
CA LEU A 70 7.56 -30.87 -13.95
C LEU A 70 6.90 -31.82 -14.96
N TYR A 71 5.68 -31.56 -15.43
CA TYR A 71 5.00 -32.47 -16.38
C TYR A 71 4.86 -31.79 -17.74
N GLY A 72 5.77 -30.87 -18.10
CA GLY A 72 5.83 -30.22 -19.43
C GLY A 72 4.62 -29.34 -19.72
N TYR A 73 4.06 -28.70 -18.67
CA TYR A 73 2.81 -27.88 -18.63
C TYR A 73 1.61 -28.70 -19.07
N ARG A 74 1.64 -30.00 -18.80
CA ARG A 74 0.48 -30.89 -19.03
C ARG A 74 -0.08 -31.11 -17.63
N TRP A 75 -1.32 -30.65 -17.42
CA TRP A 75 -2.09 -30.72 -16.17
C TRP A 75 -2.07 -32.14 -15.59
N PRO A 76 -1.38 -32.37 -14.44
CA PRO A 76 -1.33 -33.69 -13.81
C PRO A 76 -2.48 -34.02 -12.84
N LEU A 77 -3.16 -33.00 -12.34
CA LEU A 77 -4.20 -33.18 -11.27
C LEU A 77 -5.49 -33.59 -11.96
N PRO A 78 -6.58 -34.02 -11.27
CA PRO A 78 -7.88 -34.17 -11.94
C PRO A 78 -8.40 -32.88 -12.62
N SER A 79 -9.17 -33.08 -13.68
CA SER A 79 -9.37 -32.01 -14.71
C SER A 79 -10.22 -30.85 -14.16
N LYS A 80 -11.17 -31.12 -13.26
CA LYS A 80 -12.00 -30.06 -12.63
C LYS A 80 -11.24 -29.34 -11.53
N LEU A 81 -10.04 -29.76 -11.11
CA LEU A 81 -9.27 -28.93 -10.16
C LEU A 81 -8.59 -27.78 -10.91
N CYS A 82 -8.50 -27.82 -12.23
CA CYS A 82 -7.85 -26.77 -13.08
C CYS A 82 -8.56 -25.43 -12.89
N ALA A 83 -9.89 -25.43 -12.99
CA ALA A 83 -10.72 -24.20 -12.91
C ALA A 83 -10.73 -23.70 -11.46
N VAL A 84 -10.53 -24.58 -10.49
CA VAL A 84 -10.48 -24.17 -9.05
C VAL A 84 -9.12 -23.56 -8.77
N TRP A 85 -8.07 -24.14 -9.36
CA TRP A 85 -6.69 -23.59 -9.22
C TRP A 85 -6.61 -22.18 -9.83
N ILE A 86 -7.17 -21.99 -11.04
CA ILE A 86 -7.08 -20.67 -11.73
C ILE A 86 -7.88 -19.66 -10.90
N TYR A 87 -9.04 -20.09 -10.39
CA TYR A 87 -9.89 -19.24 -9.56
C TYR A 87 -9.06 -18.75 -8.36
N LEU A 88 -8.39 -19.65 -7.66
CA LEU A 88 -7.67 -19.25 -6.44
C LEU A 88 -6.50 -18.35 -6.84
N ASP A 89 -5.79 -18.71 -7.90
CA ASP A 89 -4.71 -17.89 -8.50
C ASP A 89 -5.20 -16.46 -8.81
N VAL A 90 -6.25 -16.28 -9.59
CA VAL A 90 -6.74 -14.93 -9.96
C VAL A 90 -7.34 -14.21 -8.74
N LEU A 91 -8.00 -14.89 -7.83
CA LEU A 91 -8.58 -14.25 -6.62
C LEU A 91 -7.49 -13.62 -5.74
N PHE A 92 -6.39 -14.31 -5.49
CA PHE A 92 -5.40 -13.85 -4.49
C PHE A 92 -4.73 -12.59 -5.03
N SER A 93 -4.36 -12.60 -6.30
CA SER A 93 -3.69 -11.45 -6.92
C SER A 93 -4.66 -10.27 -7.18
N THR A 94 -5.91 -10.55 -7.49
CA THR A 94 -6.95 -9.51 -7.65
C THR A 94 -7.18 -8.86 -6.29
N ALA A 95 -7.22 -9.68 -5.23
CA ALA A 95 -7.38 -9.16 -3.85
C ALA A 95 -6.18 -8.26 -3.56
N LYS A 96 -5.02 -8.63 -4.05
CA LYS A 96 -3.78 -7.86 -3.78
C LYS A 96 -3.87 -6.45 -4.42
N ILE A 97 -4.23 -6.35 -5.69
CA ILE A 97 -4.21 -5.04 -6.39
C ILE A 97 -5.32 -4.16 -5.78
N TRP A 98 -6.47 -4.74 -5.40
CA TRP A 98 -7.52 -3.92 -4.74
C TRP A 98 -7.12 -3.58 -3.30
N HIS A 99 -6.21 -4.31 -2.69
CA HIS A 99 -5.66 -3.94 -1.36
C HIS A 99 -4.77 -2.72 -1.52
N LEU A 100 -3.89 -2.72 -2.49
CA LEU A 100 -2.95 -1.60 -2.73
C LEU A 100 -3.77 -0.35 -3.02
N CYS A 101 -4.82 -0.52 -3.79
CA CYS A 101 -5.72 0.56 -4.24
C CYS A 101 -6.52 1.04 -3.03
N ALA A 102 -6.93 0.14 -2.13
CA ALA A 102 -7.61 0.52 -0.86
C ALA A 102 -6.65 1.28 0.09
N ILE A 103 -5.37 0.95 0.14
CA ILE A 103 -4.38 1.64 1.02
C ILE A 103 -4.23 3.08 0.52
N SER A 104 -4.14 3.24 -0.80
CA SER A 104 -3.80 4.52 -1.45
C SER A 104 -4.96 5.51 -1.21
N LEU A 105 -6.16 5.08 -1.50
CA LEU A 105 -7.41 5.84 -1.31
C LEU A 105 -7.64 6.12 0.18
N ASP A 106 -7.34 5.17 1.08
CA ASP A 106 -7.62 5.39 2.52
C ASP A 106 -6.70 6.49 3.03
N ARG A 107 -5.44 6.45 2.61
CA ARG A 107 -4.46 7.46 3.06
C ARG A 107 -4.90 8.83 2.55
N TYR A 108 -5.38 8.91 1.31
CA TYR A 108 -5.77 10.21 0.73
C TYR A 108 -6.96 10.73 1.52
N VAL A 109 -7.95 9.88 1.72
CA VAL A 109 -9.19 10.35 2.40
C VAL A 109 -8.83 10.79 3.82
N ALA A 110 -7.85 10.13 4.46
CA ALA A 110 -7.40 10.40 5.86
C ALA A 110 -6.79 11.79 5.94
N ILE A 111 -6.15 12.27 4.89
CA ILE A 111 -5.61 13.67 4.88
C ILE A 111 -6.78 14.66 4.80
N GLN A 112 -7.71 14.47 3.85
CA GLN A 112 -8.76 15.47 3.51
C GLN A 112 -9.78 15.51 4.65
N ASN A 113 -10.06 14.37 5.27
CA ASN A 113 -10.97 14.30 6.44
C ASN A 113 -10.09 14.10 7.66
N PRO A 114 -9.59 15.17 8.30
CA PRO A 114 -8.64 15.01 9.41
C PRO A 114 -9.29 14.28 10.58
N ILE A 115 -10.57 14.55 10.86
CA ILE A 115 -11.31 13.85 11.95
C ILE A 115 -11.21 12.33 11.75
N SER A 122 -9.08 2.88 14.17
CA SER A 122 -10.19 1.92 14.43
C SER A 122 -9.88 0.60 13.70
N ARG A 123 -9.83 -0.51 14.45
CA ARG A 123 -9.60 -1.82 13.80
C ARG A 123 -10.84 -2.22 12.97
N THR A 124 -12.03 -1.97 13.48
CA THR A 124 -13.26 -2.49 12.81
C THR A 124 -13.40 -1.83 11.43
N LYS A 125 -13.14 -0.54 11.31
CA LYS A 125 -13.31 0.16 10.02
C LYS A 125 -12.33 -0.45 9.03
N ALA A 126 -11.11 -0.75 9.49
CA ALA A 126 -10.09 -1.37 8.64
C ALA A 126 -10.58 -2.77 8.20
N PHE A 127 -11.19 -3.55 9.09
CA PHE A 127 -11.62 -4.93 8.80
C PHE A 127 -12.84 -4.90 7.93
N LEU A 128 -13.67 -3.86 8.01
CA LEU A 128 -14.80 -3.70 7.06
C LEU A 128 -14.21 -3.57 5.67
N LYS A 129 -13.21 -2.70 5.50
CA LYS A 129 -12.64 -2.40 4.15
C LYS A 129 -11.96 -3.66 3.60
N ILE A 130 -11.13 -4.30 4.41
CA ILE A 130 -10.41 -5.56 4.03
C ILE A 130 -11.43 -6.60 3.55
N ILE A 131 -12.48 -6.84 4.36
CA ILE A 131 -13.50 -7.88 4.05
C ILE A 131 -14.23 -7.50 2.75
N ALA A 132 -14.60 -6.23 2.58
CA ALA A 132 -15.16 -5.67 1.32
C ALA A 132 -14.25 -5.98 0.13
N VAL A 133 -12.94 -5.79 0.27
CA VAL A 133 -11.96 -6.05 -0.83
C VAL A 133 -11.91 -7.54 -1.17
N TRP A 134 -11.84 -8.42 -0.17
CA TRP A 134 -11.96 -9.89 -0.39
C TRP A 134 -13.27 -10.29 -1.05
N THR A 135 -14.41 -9.72 -0.67
CA THR A 135 -15.73 -10.10 -1.26
C THR A 135 -15.76 -9.61 -2.69
N ILE A 136 -15.24 -8.41 -2.94
CA ILE A 136 -15.19 -7.83 -4.32
C ILE A 136 -14.36 -8.76 -5.17
N SER A 137 -13.23 -9.24 -4.67
CA SER A 137 -12.34 -10.10 -5.48
C SER A 137 -12.93 -11.49 -5.69
N VAL A 138 -13.68 -12.03 -4.71
CA VAL A 138 -14.39 -13.34 -4.80
C VAL A 138 -15.46 -13.26 -5.88
N GLY A 139 -16.18 -12.15 -5.93
CA GLY A 139 -17.30 -12.01 -6.88
C GLY A 139 -16.85 -11.76 -8.29
N ILE A 140 -15.82 -10.96 -8.50
CA ILE A 140 -15.32 -10.61 -9.86
C ILE A 140 -14.63 -11.83 -10.46
N SER A 141 -13.93 -12.63 -9.65
CA SER A 141 -13.15 -13.80 -10.13
C SER A 141 -14.10 -14.99 -10.44
N MET A 142 -15.30 -14.98 -9.87
CA MET A 142 -16.35 -16.04 -9.97
C MET A 142 -16.70 -16.53 -11.39
N PRO A 143 -16.68 -15.75 -12.50
CA PRO A 143 -16.89 -16.34 -13.81
C PRO A 143 -15.93 -17.47 -14.13
N ILE A 144 -14.77 -17.54 -13.47
CA ILE A 144 -13.73 -18.54 -13.84
C ILE A 144 -14.26 -19.91 -13.48
N PRO A 145 -14.67 -20.27 -12.23
CA PRO A 145 -15.22 -21.60 -12.02
C PRO A 145 -16.62 -21.78 -12.58
N VAL A 146 -17.49 -20.79 -12.52
CA VAL A 146 -18.88 -20.94 -13.07
C VAL A 146 -18.82 -21.40 -14.55
N PHE A 147 -18.03 -20.74 -15.41
CA PHE A 147 -18.00 -21.08 -16.85
C PHE A 147 -16.95 -22.15 -17.11
N GLY A 148 -15.82 -22.10 -16.44
CA GLY A 148 -14.70 -23.03 -16.69
C GLY A 148 -14.97 -24.46 -16.25
N LEU A 149 -15.78 -24.66 -15.21
CA LEU A 149 -16.15 -26.06 -14.81
C LEU A 149 -17.25 -26.61 -15.73
N GLN A 150 -18.06 -25.78 -16.36
CA GLN A 150 -19.07 -26.28 -17.34
C GLN A 150 -18.46 -26.47 -18.73
N ASP A 151 -17.27 -25.95 -19.01
CA ASP A 151 -16.70 -26.01 -20.38
C ASP A 151 -15.19 -26.08 -20.27
N ASP A 152 -14.61 -27.24 -20.50
CA ASP A 152 -13.14 -27.44 -20.39
C ASP A 152 -12.39 -26.53 -21.36
N SER A 153 -13.01 -26.16 -22.49
CA SER A 153 -12.33 -25.41 -23.56
C SER A 153 -11.93 -24.00 -23.07
N LYS A 154 -12.56 -23.53 -21.99
CA LYS A 154 -12.30 -22.20 -21.37
C LYS A 154 -11.06 -22.24 -20.49
N VAL A 155 -10.74 -23.41 -19.93
CA VAL A 155 -9.57 -23.48 -18.98
C VAL A 155 -8.52 -24.45 -19.48
N PHE A 156 -8.65 -24.99 -20.69
CA PHE A 156 -7.64 -25.93 -21.24
C PHE A 156 -7.27 -25.59 -22.69
N LYS A 157 -5.97 -25.61 -22.98
CA LYS A 157 -5.39 -25.52 -24.35
C LYS A 157 -4.29 -26.58 -24.42
N GLU A 158 -4.51 -27.65 -25.22
CA GLU A 158 -3.52 -28.75 -25.44
C GLU A 158 -3.18 -29.39 -24.10
N GLY A 159 -4.19 -29.56 -23.27
CA GLY A 159 -4.01 -30.19 -21.96
C GLY A 159 -3.19 -29.33 -21.00
N SER A 160 -2.80 -28.11 -21.36
CA SER A 160 -2.35 -27.11 -20.35
C SER A 160 -3.59 -26.48 -19.68
N CYS A 161 -3.55 -26.33 -18.39
CA CYS A 161 -4.52 -25.52 -17.62
C CYS A 161 -4.06 -24.06 -17.64
N LEU A 162 -4.90 -23.18 -18.16
CA LEU A 162 -4.65 -21.73 -18.29
C LEU A 162 -5.99 -21.08 -18.60
N LEU A 163 -6.09 -19.79 -18.50
CA LEU A 163 -7.34 -19.14 -18.92
C LEU A 163 -7.33 -19.03 -20.46
N ALA A 164 -8.00 -19.94 -21.14
CA ALA A 164 -7.92 -20.15 -22.60
C ALA A 164 -8.87 -19.24 -23.38
N ASP A 165 -9.95 -18.70 -22.81
CA ASP A 165 -10.84 -17.80 -23.59
C ASP A 165 -10.19 -16.41 -23.62
N ASP A 166 -9.94 -15.89 -24.82
CA ASP A 166 -9.37 -14.57 -25.13
C ASP A 166 -10.19 -13.46 -24.48
N ASN A 167 -11.51 -13.66 -24.38
CA ASN A 167 -12.40 -12.61 -23.83
C ASN A 167 -12.20 -12.53 -22.32
N PHE A 168 -11.99 -13.64 -21.62
CA PHE A 168 -11.76 -13.58 -20.16
C PHE A 168 -10.46 -12.85 -19.90
N VAL A 169 -9.44 -13.14 -20.69
CA VAL A 169 -8.12 -12.46 -20.56
C VAL A 169 -8.29 -10.96 -20.82
N LEU A 170 -8.93 -10.55 -21.92
CA LEU A 170 -9.09 -9.11 -22.27
C LEU A 170 -9.91 -8.40 -21.19
N ILE A 171 -11.14 -8.86 -20.96
CA ILE A 171 -12.06 -8.20 -20.00
C ILE A 171 -11.50 -8.30 -18.57
N GLY A 172 -10.93 -9.45 -18.22
CA GLY A 172 -10.29 -9.68 -16.93
C GLY A 172 -9.12 -8.77 -16.65
N SER A 173 -8.16 -8.66 -17.58
CA SER A 173 -7.00 -7.72 -17.48
C SER A 173 -7.49 -6.27 -17.30
N PHE A 174 -8.59 -5.90 -17.93
CA PHE A 174 -9.07 -4.53 -17.87
C PHE A 174 -9.66 -4.33 -16.48
N VAL A 175 -10.56 -5.19 -16.04
CA VAL A 175 -11.30 -4.90 -14.76
C VAL A 175 -10.50 -5.29 -13.52
N SER A 176 -9.53 -6.21 -13.63
CA SER A 176 -8.76 -6.68 -12.47
C SER A 176 -7.30 -6.22 -12.50
N PHE A 177 -6.82 -5.62 -13.57
CA PHE A 177 -5.44 -5.06 -13.55
C PHE A 177 -5.46 -3.56 -13.88
N PHE A 178 -5.87 -3.16 -15.07
CA PHE A 178 -5.63 -1.79 -15.61
C PHE A 178 -6.45 -0.74 -14.84
N ILE A 179 -7.72 -1.01 -14.60
CA ILE A 179 -8.58 -0.09 -13.82
C ILE A 179 -8.05 0.11 -12.40
N PRO A 180 -7.87 -0.90 -11.52
CA PRO A 180 -7.36 -0.58 -10.18
C PRO A 180 -5.92 -0.06 -10.15
N LEU A 181 -5.08 -0.42 -11.12
CA LEU A 181 -3.74 0.20 -11.30
C LEU A 181 -3.91 1.71 -11.51
N THR A 182 -4.86 2.11 -12.34
CA THR A 182 -5.10 3.51 -12.71
C THR A 182 -5.56 4.24 -11.44
N ILE A 183 -6.52 3.69 -10.73
CA ILE A 183 -7.01 4.31 -9.47
C ILE A 183 -5.84 4.43 -8.48
N MET A 184 -4.95 3.44 -8.46
CA MET A 184 -3.81 3.39 -7.52
C MET A 184 -2.89 4.57 -7.86
N VAL A 185 -2.56 4.73 -9.13
CA VAL A 185 -1.64 5.78 -9.67
C VAL A 185 -2.20 7.18 -9.38
N ILE A 186 -3.46 7.44 -9.67
CA ILE A 186 -4.08 8.77 -9.40
C ILE A 186 -4.05 9.08 -7.91
N THR A 187 -4.56 8.19 -7.05
CA THR A 187 -4.69 8.46 -5.59
C THR A 187 -3.29 8.59 -4.97
N TYR A 188 -2.30 7.90 -5.50
CA TYR A 188 -0.92 8.01 -4.96
C TYR A 188 -0.39 9.40 -5.28
N PHE A 189 -0.55 9.83 -6.53
CA PHE A 189 -0.07 11.13 -7.02
C PHE A 189 -0.76 12.26 -6.23
N LEU A 190 -2.05 12.17 -5.94
CA LEU A 190 -2.76 13.24 -5.20
C LEU A 190 -2.32 13.23 -3.73
N THR A 191 -1.94 12.07 -3.20
CA THR A 191 -1.47 11.93 -1.80
C THR A 191 -0.14 12.66 -1.67
N ILE A 192 0.77 12.47 -2.64
CA ILE A 192 2.10 13.15 -2.65
C ILE A 192 1.90 14.66 -2.75
N LYS A 193 1.00 15.13 -3.64
CA LYS A 193 0.69 16.58 -3.73
C LYS A 193 0.03 17.08 -2.43
N SER A 194 -0.89 16.32 -1.81
CA SER A 194 -1.57 16.73 -0.57
C SER A 194 -0.51 16.98 0.51
N LEU A 195 0.37 16.00 0.70
CA LEU A 195 1.38 16.04 1.78
C LEU A 195 2.39 17.16 1.53
N GLN A 196 2.79 17.42 0.29
CA GLN A 196 3.68 18.59 -0.01
C GLN A 196 2.96 19.89 0.37
N LYS A 197 1.67 20.01 0.08
CA LYS A 197 0.86 21.22 0.35
C LYS A 197 0.72 21.38 1.86
N GLU A 198 0.54 20.28 2.62
CA GLU A 198 0.37 20.31 4.10
C GLU A 198 1.68 20.76 4.75
N ALA A 199 2.87 20.32 4.21
CA ALA A 199 4.22 20.72 4.70
C ALA A 199 4.44 22.21 4.42
N ALA A 200 3.94 22.66 3.29
CA ALA A 200 4.10 24.04 2.73
C ALA A 200 3.25 25.03 3.52
N ASP A 201 2.02 24.63 3.77
CA ASP A 201 1.10 25.49 4.58
C ASP A 201 1.67 25.62 6.00
N LEU A 202 2.25 24.56 6.54
CA LEU A 202 2.81 24.59 7.91
C LEU A 202 4.00 25.57 7.98
N GLU A 203 4.90 25.51 7.00
CA GLU A 203 6.08 26.40 6.97
C GLU A 203 5.61 27.86 6.88
N ASP A 204 4.57 28.11 6.09
CA ASP A 204 4.03 29.47 5.93
C ASP A 204 3.48 29.94 7.29
N ASN A 205 2.77 29.08 7.98
CA ASN A 205 2.21 29.41 9.32
C ASN A 205 3.36 29.64 10.30
N TRP A 206 4.41 28.84 10.21
CA TRP A 206 5.59 29.02 11.10
C TRP A 206 6.21 30.39 10.88
N GLU A 207 6.37 30.81 9.63
CA GLU A 207 6.98 32.12 9.33
C GLU A 207 6.11 33.22 9.94
N THR A 208 4.80 33.12 9.78
CA THR A 208 3.92 34.19 10.28
C THR A 208 4.03 34.25 11.81
N LEU A 209 4.02 33.08 12.47
CA LEU A 209 4.11 33.05 13.95
C LEU A 209 5.47 33.60 14.40
N ASN A 210 6.55 33.16 13.77
CA ASN A 210 7.91 33.58 14.19
C ASN A 210 8.08 35.09 13.95
N ASP A 211 7.61 35.58 12.81
CA ASP A 211 7.82 37.01 12.47
C ASP A 211 7.04 37.88 13.46
N ASN A 212 5.82 37.48 13.79
CA ASN A 212 4.95 38.29 14.69
C ASN A 212 5.54 38.30 16.10
N LEU A 213 6.13 37.19 16.54
CA LEU A 213 6.78 37.14 17.87
C LEU A 213 7.90 38.18 17.91
N LYS A 214 8.65 38.29 16.83
CA LYS A 214 9.74 39.30 16.75
C LYS A 214 9.18 40.72 16.80
N VAL A 215 8.05 40.97 16.14
CA VAL A 215 7.41 42.32 16.18
C VAL A 215 7.01 42.62 17.62
N ILE A 216 6.40 41.66 18.31
CA ILE A 216 5.94 41.87 19.71
C ILE A 216 7.17 42.17 20.57
N GLU A 217 8.27 41.49 20.31
CA GLU A 217 9.52 41.67 21.09
C GLU A 217 10.03 43.11 20.94
N LYS A 218 9.96 43.69 19.75
CA LYS A 218 10.52 45.04 19.48
C LYS A 218 9.44 46.11 19.71
N ALA A 219 8.24 45.72 20.10
CA ALA A 219 7.13 46.70 20.20
C ALA A 219 7.33 47.71 21.35
N ASP A 220 6.93 48.96 21.13
CA ASP A 220 6.96 49.99 22.19
C ASP A 220 5.53 50.37 22.51
N ASN A 221 4.57 49.88 21.72
CA ASN A 221 3.16 50.32 21.87
C ASN A 221 2.21 49.11 21.87
N ALA A 222 1.05 49.25 22.52
CA ALA A 222 0.06 48.16 22.63
C ALA A 222 -0.49 47.77 21.26
N ALA A 223 -0.70 48.73 20.38
CA ALA A 223 -1.34 48.47 19.06
C ALA A 223 -0.48 47.50 18.23
N GLN A 224 0.84 47.67 18.27
CA GLN A 224 1.75 46.76 17.54
C GLN A 224 1.58 45.34 18.07
N VAL A 225 1.54 45.18 19.39
CA VAL A 225 1.42 43.83 20.02
C VAL A 225 0.06 43.25 19.62
N LYS A 226 -1.00 44.06 19.70
CA LYS A 226 -2.36 43.56 19.41
C LYS A 226 -2.44 43.11 17.94
N ASP A 227 -1.89 43.91 17.03
CA ASP A 227 -1.97 43.59 15.59
C ASP A 227 -1.23 42.28 15.35
N ALA A 228 -0.05 42.15 15.96
CA ALA A 228 0.77 40.94 15.77
C ALA A 228 0.04 39.71 16.36
N LEU A 229 -0.52 39.85 17.55
CA LEU A 229 -1.17 38.69 18.22
C LEU A 229 -2.41 38.28 17.44
N THR A 230 -3.16 39.24 16.90
CA THR A 230 -4.37 38.93 16.11
C THR A 230 -3.94 38.13 14.88
N LYS A 231 -2.85 38.53 14.24
CA LYS A 231 -2.32 37.82 13.05
C LYS A 231 -1.88 36.41 13.49
N MET A 232 -1.25 36.30 14.65
CA MET A 232 -0.81 34.99 15.17
C MET A 232 -2.02 34.09 15.43
N ARG A 233 -3.11 34.65 15.95
CA ARG A 233 -4.32 33.86 16.24
C ARG A 233 -4.84 33.25 14.95
N ALA A 234 -4.87 34.05 13.88
CA ALA A 234 -5.40 33.57 12.59
C ALA A 234 -4.54 32.40 12.09
N ALA A 235 -3.22 32.54 12.22
CA ALA A 235 -2.29 31.48 11.73
C ALA A 235 -2.51 30.21 12.55
N ALA A 236 -2.71 30.34 13.85
CA ALA A 236 -2.93 29.18 14.73
C ALA A 236 -4.22 28.47 14.33
N LEU A 237 -5.26 29.25 14.01
CA LEU A 237 -6.54 28.65 13.55
C LEU A 237 -6.30 27.87 12.25
N ASP A 238 -5.49 28.41 11.34
CA ASP A 238 -5.26 27.76 10.03
C ASP A 238 -4.62 26.39 10.24
N ALA A 239 -3.64 26.30 11.14
CA ALA A 239 -2.98 25.01 11.42
C ALA A 239 -3.91 24.17 12.30
N ASP A 245 -7.70 25.81 19.29
CA ASP A 245 -6.54 25.05 19.84
C ASP A 245 -6.15 25.61 21.20
N ILE A 246 -5.15 25.00 21.82
CA ILE A 246 -4.61 25.43 23.14
C ILE A 246 -3.91 26.77 22.94
N LEU A 247 -3.14 26.90 21.86
CA LEU A 247 -2.41 28.15 21.56
C LEU A 247 -3.42 29.27 21.32
N VAL A 248 -4.52 28.97 20.63
CA VAL A 248 -5.50 30.04 20.27
C VAL A 248 -6.02 30.69 21.56
N GLY A 249 -6.33 29.88 22.57
CA GLY A 249 -6.78 30.42 23.86
C GLY A 249 -5.69 31.23 24.55
N GLN A 250 -4.45 30.75 24.52
CA GLN A 250 -3.32 31.47 25.15
C GLN A 250 -3.11 32.81 24.43
N ILE A 251 -3.26 32.83 23.10
CA ILE A 251 -3.14 34.08 22.32
C ILE A 251 -4.23 35.05 22.77
N ASP A 252 -5.43 34.55 23.00
CA ASP A 252 -6.57 35.42 23.40
C ASP A 252 -6.28 36.05 24.77
N ASP A 253 -5.66 35.31 25.68
CA ASP A 253 -5.29 35.87 27.00
C ASP A 253 -4.26 36.97 26.81
N ALA A 254 -3.31 36.77 25.90
CA ALA A 254 -2.27 37.79 25.63
C ALA A 254 -2.94 38.99 24.94
N LEU A 255 -3.96 38.72 24.14
CA LEU A 255 -4.67 39.81 23.42
C LEU A 255 -5.40 40.66 24.47
N LYS A 256 -5.95 40.03 25.49
CA LYS A 256 -6.71 40.76 26.54
C LYS A 256 -5.76 41.72 27.26
N LEU A 257 -4.57 41.26 27.59
CA LEU A 257 -3.57 42.12 28.26
C LEU A 257 -3.27 43.32 27.35
N ALA A 258 -3.07 43.09 26.07
CA ALA A 258 -2.72 44.18 25.13
C ALA A 258 -3.88 45.17 25.04
N ASN A 259 -5.12 44.66 25.05
CA ASN A 259 -6.33 45.52 24.92
C ASN A 259 -6.40 46.47 26.12
N GLU A 260 -5.97 46.03 27.29
CA GLU A 260 -6.05 46.87 28.52
C GLU A 260 -4.77 47.69 28.67
N GLY A 261 -3.87 47.64 27.69
CA GLY A 261 -2.67 48.51 27.69
C GLY A 261 -1.51 47.89 28.46
N LYS A 262 -1.60 46.62 28.83
CA LYS A 262 -0.48 45.94 29.50
C LYS A 262 0.48 45.42 28.42
N VAL A 263 1.27 46.30 27.83
CA VAL A 263 2.19 45.96 26.71
C VAL A 263 3.23 44.98 27.21
N LYS A 264 3.86 45.29 28.33
CA LYS A 264 4.99 44.48 28.84
C LYS A 264 4.48 43.07 29.20
N GLU A 265 3.32 43.00 29.83
CA GLU A 265 2.76 41.72 30.29
C GLU A 265 2.41 40.88 29.06
N ALA A 266 1.83 41.50 28.04
CA ALA A 266 1.48 40.79 26.78
C ALA A 266 2.75 40.31 26.09
N GLN A 267 3.82 41.10 26.12
CA GLN A 267 5.11 40.70 25.50
C GLN A 267 5.63 39.45 26.20
N ALA A 268 5.55 39.40 27.51
CA ALA A 268 6.00 38.23 28.29
C ALA A 268 5.14 37.01 27.95
N ALA A 269 3.83 37.20 27.82
CA ALA A 269 2.91 36.10 27.48
C ALA A 269 3.26 35.57 26.08
N ALA A 270 3.67 36.45 25.17
CA ALA A 270 4.08 36.02 23.81
C ALA A 270 5.32 35.13 23.88
N GLU A 271 6.27 35.45 24.77
CA GLU A 271 7.46 34.57 24.93
C GLU A 271 6.98 33.23 25.47
N GLN A 272 5.96 33.23 26.33
CA GLN A 272 5.38 31.96 26.84
C GLN A 272 4.73 31.17 25.69
N LEU A 273 4.15 31.84 24.70
CA LEU A 273 3.52 31.17 23.54
C LEU A 273 4.59 30.38 22.79
N LYS A 274 5.83 30.86 22.78
CA LYS A 274 6.90 30.23 21.96
C LYS A 274 7.05 28.74 22.32
N THR A 275 7.01 28.38 23.60
CA THR A 275 7.20 26.93 23.92
C THR A 275 6.05 26.12 23.32
N THR A 276 4.83 26.60 23.43
CA THR A 276 3.65 25.90 22.86
C THR A 276 3.82 25.83 21.33
N ILE A 277 4.22 26.93 20.71
CA ILE A 277 4.33 26.97 19.22
C ILE A 277 5.40 25.96 18.81
N ASN A 278 6.56 25.97 19.45
CA ASN A 278 7.67 25.09 19.01
C ASN A 278 7.22 23.64 19.17
N ALA A 279 6.53 23.33 20.27
CA ALA A 279 6.14 21.93 20.52
C ALA A 279 5.23 21.46 19.40
N TYR A 280 4.20 22.25 19.09
CA TYR A 280 3.20 21.84 18.07
C TYR A 280 3.87 21.76 16.69
N ILE A 281 4.72 22.73 16.37
CA ILE A 281 5.32 22.79 15.00
C ILE A 281 6.15 21.53 14.81
N GLN A 282 6.98 21.20 15.78
CA GLN A 282 7.89 20.05 15.60
C GLN A 282 7.04 18.77 15.52
N LYS A 283 6.00 18.67 16.35
CA LYS A 283 5.16 17.44 16.37
C LYS A 283 4.42 17.26 15.06
N TYR A 284 3.78 18.30 14.54
CA TYR A 284 2.96 18.16 13.31
C TYR A 284 3.91 18.06 12.13
N GLY A 285 5.08 18.66 12.27
CA GLY A 285 6.10 18.64 11.21
C GLY A 285 6.81 17.31 11.10
N GLN A 286 7.02 16.63 12.23
CA GLN A 286 7.61 15.26 12.18
C GLN A 286 6.51 14.24 11.93
N SER A 287 5.24 14.56 12.19
CA SER A 287 4.11 13.72 11.74
C SER A 287 4.06 13.66 10.19
N ILE A 288 4.27 14.79 9.51
CA ILE A 288 4.09 14.90 8.03
C ILE A 288 5.25 14.16 7.35
N SER A 289 6.46 14.28 7.87
CA SER A 289 7.62 13.54 7.30
C SER A 289 7.51 12.02 7.57
N ASN A 290 6.78 11.61 8.61
CA ASN A 290 6.48 10.16 8.83
C ASN A 290 5.55 9.66 7.71
N GLU A 291 4.42 10.35 7.46
CA GLU A 291 3.49 10.09 6.33
C GLU A 291 4.23 10.10 4.99
N GLN A 292 5.15 11.03 4.76
CA GLN A 292 5.85 11.11 3.46
C GLN A 292 6.76 9.90 3.31
N LYS A 293 7.53 9.52 4.34
CA LYS A 293 8.37 8.30 4.31
C LYS A 293 7.50 7.05 4.09
N ALA A 294 6.37 6.94 4.79
CA ALA A 294 5.45 5.81 4.64
C ALA A 294 4.96 5.74 3.18
N CYS A 295 4.65 6.88 2.59
CA CYS A 295 4.11 6.89 1.21
C CYS A 295 5.18 6.34 0.25
N LYS A 296 6.44 6.64 0.52
CA LYS A 296 7.55 6.19 -0.35
C LYS A 296 7.67 4.65 -0.33
N VAL A 297 7.57 4.03 0.84
CA VAL A 297 7.70 2.55 0.96
C VAL A 297 6.52 1.93 0.22
N LEU A 298 5.30 2.41 0.49
CA LEU A 298 4.10 1.97 -0.24
C LEU A 298 4.29 2.19 -1.74
N GLY A 299 4.95 3.25 -2.13
CA GLY A 299 5.21 3.50 -3.56
C GLY A 299 6.14 2.47 -4.15
N ILE A 300 7.13 1.99 -3.41
CA ILE A 300 7.97 0.85 -3.89
C ILE A 300 7.10 -0.42 -3.99
N VAL A 301 6.26 -0.74 -2.99
CA VAL A 301 5.34 -1.91 -3.05
C VAL A 301 4.46 -1.86 -4.30
N PHE A 302 3.81 -0.72 -4.49
CA PHE A 302 2.90 -0.43 -5.63
C PHE A 302 3.65 -0.61 -6.96
N PHE A 303 4.83 -0.03 -7.08
CA PHE A 303 5.66 -0.03 -8.31
C PHE A 303 6.08 -1.47 -8.63
N LEU A 304 6.61 -2.17 -7.64
CA LEU A 304 7.10 -3.54 -7.85
C LEU A 304 5.92 -4.48 -8.10
N PHE A 305 4.70 -4.23 -7.62
CA PHE A 305 3.57 -5.15 -7.94
C PHE A 305 3.17 -4.98 -9.42
N VAL A 306 3.14 -3.77 -9.95
CA VAL A 306 2.67 -3.56 -11.34
C VAL A 306 3.77 -3.99 -12.29
N VAL A 307 4.99 -3.53 -12.05
CA VAL A 307 6.12 -3.80 -12.98
C VAL A 307 6.35 -5.31 -13.10
N MET A 308 6.25 -6.05 -11.99
CA MET A 308 6.52 -7.51 -11.99
C MET A 308 5.39 -8.26 -12.70
N TRP A 309 4.17 -7.71 -12.71
CA TRP A 309 3.03 -8.39 -13.39
C TRP A 309 2.88 -7.84 -14.81
N CYS A 310 3.58 -6.76 -15.16
CA CYS A 310 3.39 -6.11 -16.50
C CYS A 310 3.76 -7.05 -17.64
N PRO A 311 4.90 -7.75 -17.60
CA PRO A 311 5.24 -8.61 -18.74
C PRO A 311 4.11 -9.59 -19.06
N PHE A 312 3.56 -10.26 -18.05
CA PHE A 312 2.52 -11.31 -18.22
C PHE A 312 1.29 -10.66 -18.91
N PHE A 313 0.87 -9.49 -18.45
CA PHE A 313 -0.40 -8.87 -18.93
C PHE A 313 -0.21 -8.31 -20.34
N ILE A 314 0.86 -7.56 -20.59
CA ILE A 314 1.06 -6.89 -21.90
C ILE A 314 1.28 -7.96 -22.99
N THR A 315 2.07 -8.99 -22.72
CA THR A 315 2.35 -10.10 -23.66
C THR A 315 1.05 -10.81 -24.02
N ASN A 316 0.26 -11.07 -22.98
CA ASN A 316 -1.04 -11.77 -23.13
C ASN A 316 -2.02 -10.91 -23.94
N ILE A 317 -1.94 -9.58 -23.84
CA ILE A 317 -2.80 -8.70 -24.67
C ILE A 317 -2.24 -8.61 -26.08
N MET A 318 -0.92 -8.61 -26.25
CA MET A 318 -0.30 -8.68 -27.59
C MET A 318 -0.71 -9.98 -28.29
N ALA A 319 -0.75 -11.12 -27.58
CA ALA A 319 -1.08 -12.44 -28.17
C ALA A 319 -2.51 -12.47 -28.71
N VAL A 320 -3.42 -11.76 -28.04
CA VAL A 320 -4.84 -11.68 -28.47
C VAL A 320 -4.90 -10.84 -29.74
N ILE A 321 -4.10 -9.78 -29.82
CA ILE A 321 -4.16 -8.79 -30.92
C ILE A 321 -3.57 -9.42 -32.17
N CYS A 322 -2.37 -10.01 -32.09
CA CYS A 322 -1.77 -10.78 -33.23
C CYS A 322 -2.06 -12.25 -32.97
N LYS A 323 -3.26 -12.68 -33.27
CA LYS A 323 -3.61 -14.08 -32.99
C LYS A 323 -2.95 -14.94 -34.09
N GLU A 324 -3.30 -14.66 -35.35
CA GLU A 324 -2.86 -15.44 -36.54
C GLU A 324 -1.35 -15.22 -36.76
N SER A 325 -0.89 -13.99 -36.57
CA SER A 325 0.41 -13.50 -37.08
C SER A 325 1.60 -13.98 -36.24
N CYS A 326 1.40 -14.53 -35.04
CA CYS A 326 2.48 -14.67 -34.01
C CYS A 326 2.66 -16.14 -33.60
N ASN A 327 3.82 -16.50 -33.12
CA ASN A 327 4.10 -17.87 -32.65
C ASN A 327 3.53 -18.06 -31.24
N GLU A 328 2.41 -18.77 -31.12
CA GLU A 328 1.69 -18.97 -29.83
C GLU A 328 2.51 -19.87 -28.90
N ASP A 329 3.38 -20.71 -29.45
CA ASP A 329 4.26 -21.64 -28.69
C ASP A 329 5.36 -20.84 -27.98
N VAL A 330 5.88 -19.81 -28.63
CA VAL A 330 6.89 -18.92 -28.01
C VAL A 330 6.20 -18.02 -26.98
N ILE A 331 5.03 -17.52 -27.33
CA ILE A 331 4.22 -16.64 -26.44
C ILE A 331 3.89 -17.43 -25.17
N GLY A 332 3.44 -18.69 -25.32
CA GLY A 332 3.09 -19.53 -24.17
C GLY A 332 4.32 -19.87 -23.34
N ALA A 333 5.50 -19.92 -23.96
CA ALA A 333 6.73 -20.19 -23.20
C ALA A 333 7.09 -18.95 -22.40
N LEU A 334 7.03 -17.78 -23.04
CA LEU A 334 7.37 -16.52 -22.35
C LEU A 334 6.40 -16.28 -21.21
N LEU A 335 5.12 -16.54 -21.43
CA LEU A 335 4.10 -16.29 -20.40
C LEU A 335 4.40 -17.17 -19.19
N ASN A 336 4.80 -18.40 -19.42
CA ASN A 336 5.12 -19.33 -18.31
C ASN A 336 6.24 -18.78 -17.44
N VAL A 337 7.23 -18.17 -18.06
CA VAL A 337 8.37 -17.49 -17.37
C VAL A 337 7.77 -16.29 -16.66
N PHE A 338 6.96 -15.51 -17.37
CA PHE A 338 6.45 -14.22 -16.86
C PHE A 338 5.53 -14.42 -15.67
N VAL A 339 4.83 -15.55 -15.60
CA VAL A 339 4.03 -15.94 -14.41
C VAL A 339 4.94 -15.92 -13.17
N TRP A 340 6.16 -16.41 -13.30
CA TRP A 340 7.04 -16.57 -12.12
C TRP A 340 7.67 -15.25 -11.70
N ILE A 341 7.83 -14.31 -12.61
CA ILE A 341 8.23 -12.93 -12.23
C ILE A 341 7.08 -12.40 -11.37
N GLY A 342 5.84 -12.65 -11.77
CA GLY A 342 4.71 -12.20 -10.94
C GLY A 342 4.63 -12.92 -9.61
N TYR A 343 4.84 -14.24 -9.56
CA TYR A 343 4.87 -14.97 -8.27
C TYR A 343 6.02 -14.46 -7.39
N LEU A 344 7.14 -14.02 -7.96
CA LEU A 344 8.31 -13.53 -7.17
C LEU A 344 7.93 -12.28 -6.37
N ASN A 345 6.93 -11.52 -6.82
CA ASN A 345 6.45 -10.32 -6.12
C ASN A 345 5.92 -10.71 -4.74
N SER A 346 5.36 -11.91 -4.61
CA SER A 346 4.85 -12.42 -3.31
C SER A 346 5.99 -12.49 -2.27
N ALA A 347 7.25 -12.59 -2.70
CA ALA A 347 8.39 -12.60 -1.75
C ALA A 347 9.01 -11.21 -1.56
N VAL A 348 8.67 -10.19 -2.33
CA VAL A 348 9.40 -8.88 -2.28
C VAL A 348 8.88 -8.01 -1.15
N ASN A 349 7.59 -8.06 -0.77
CA ASN A 349 7.03 -7.05 0.17
C ASN A 349 7.76 -7.17 1.50
N PRO A 350 7.97 -8.38 2.07
CA PRO A 350 8.73 -8.46 3.34
C PRO A 350 10.16 -7.91 3.33
N LEU A 351 10.91 -8.12 2.26
CA LEU A 351 12.25 -7.48 2.07
C LEU A 351 12.16 -5.95 2.07
N VAL A 352 11.23 -5.39 1.32
CA VAL A 352 10.96 -3.92 1.29
C VAL A 352 10.75 -3.40 2.70
N TYR A 353 10.02 -4.13 3.55
CA TYR A 353 9.71 -3.66 4.92
C TYR A 353 10.99 -3.73 5.77
N THR A 354 11.82 -4.74 5.55
CA THR A 354 13.11 -4.93 6.29
C THR A 354 14.03 -3.76 5.95
N LEU A 355 14.06 -3.36 4.68
CA LEU A 355 15.04 -2.37 4.18
C LEU A 355 14.63 -0.97 4.66
N PHE A 356 13.34 -0.66 4.68
CA PHE A 356 12.91 0.74 4.93
C PHE A 356 12.10 0.95 6.21
N ASN A 357 11.62 -0.10 6.88
CA ASN A 357 10.92 0.13 8.17
C ASN A 357 11.73 -0.51 9.28
N LYS A 358 12.15 0.29 10.26
CA LYS A 358 12.99 -0.21 11.36
C LYS A 358 12.12 -1.09 12.25
N THR A 359 10.84 -0.75 12.38
CA THR A 359 9.99 -1.54 13.32
C THR A 359 9.84 -2.97 12.83
N TYR A 360 9.67 -3.15 11.53
CA TYR A 360 9.53 -4.46 10.87
C TYR A 360 10.87 -5.18 10.94
N ARG A 361 11.97 -4.49 10.64
CA ARG A 361 13.34 -5.09 10.71
C ARG A 361 13.60 -5.63 12.13
N SER A 362 13.28 -4.86 13.17
CA SER A 362 13.47 -5.23 14.59
C SER A 362 12.60 -6.41 14.95
N ALA A 363 11.36 -6.43 14.49
CA ALA A 363 10.38 -7.48 14.88
C ALA A 363 10.86 -8.80 14.25
N PHE A 364 11.24 -8.75 12.98
CA PHE A 364 11.70 -9.93 12.20
C PHE A 364 12.94 -10.51 12.89
N SER A 365 13.86 -9.65 13.30
CA SER A 365 15.12 -10.01 14.00
C SER A 365 14.83 -10.80 15.29
N ARG A 366 13.91 -10.34 16.11
CA ARG A 366 13.50 -11.09 17.34
C ARG A 366 12.81 -12.43 16.99
N TYR A 367 11.91 -12.48 16.02
CA TYR A 367 11.07 -13.68 15.77
C TYR A 367 11.92 -14.82 15.18
N ILE A 368 12.87 -14.47 14.32
CA ILE A 368 13.91 -15.39 13.80
C ILE A 368 14.73 -15.96 14.97
N GLN A 369 15.08 -15.12 15.95
CA GLN A 369 15.68 -15.54 17.26
C GLN A 369 14.68 -16.20 18.23
N CYS A 370 13.41 -16.38 17.85
CA CYS A 370 12.29 -16.98 18.63
C CYS A 370 12.11 -16.28 20.01
N GLN A 371 12.38 -14.97 20.08
CA GLN A 371 11.96 -14.05 21.16
C GLN A 371 10.58 -13.45 20.76
N TYR A 372 9.48 -14.09 21.14
CA TYR A 372 8.11 -13.65 20.75
C TYR A 372 7.53 -12.68 21.79
N LYS A 373 8.26 -12.41 22.87
CA LYS A 373 7.78 -11.55 23.97
C LYS A 373 7.91 -10.06 23.59
N GLU A 374 6.89 -9.26 23.90
CA GLU A 374 6.95 -7.78 23.73
C GLU A 374 7.85 -7.24 24.85
#